data_6MAB
#
_entry.id   6MAB
#
_cell.length_a   96.712
_cell.length_b   96.712
_cell.length_c   65.385
_cell.angle_alpha   90.000
_cell.angle_beta   90.000
_cell.angle_gamma   90.000
#
_symmetry.space_group_name_H-M   'I 4'
#
loop_
_entity.id
_entity.type
_entity.pdbx_description
1 polymer 'Sigma regulatory family protein-PP2C phosphatase'
2 non-polymer 'ISOPROPYL ALCOHOL'
3 water water
#
_entity_poly.entity_id   1
_entity_poly.type   'polypeptide(L)'
_entity_poly.pdbx_seq_one_letter_code
;SNIQQYKKTLSSITSDLRENALFKAHTLQQTIPLNIDILALFSEIFDLDRGVPAEPDLALSKEMEKIFHSTYKEISLVKK
EADGNFRVVASSRIEQLGKNYNQEIFLSDSQPFLATLRHSGSDSQVLAVLQTNIFDISSQEVLGVLYTLSDTNYLLNGLL
AAKDPLSVKTAILSKNGIILQATDSSLDLVSIHKTVSKEQFCDVFLRDDICPPHLLLRPPLNLDPLPYGENFVSFCIGNT
EMWGYIHSLPEMDFRILTYEEKSIIFASLWRR
;
_entity_poly.pdbx_strand_id   A
#
loop_
_chem_comp.id
_chem_comp.type
_chem_comp.name
_chem_comp.formula
IPA non-polymer 'ISOPROPYL ALCOHOL' 'C3 H8 O'
#
# COMPACT_ATOMS: atom_id res chain seq x y z
N SER A 1 27.01 -4.33 33.34
CA SER A 1 26.49 -5.70 33.60
C SER A 1 26.48 -6.49 32.30
N ASN A 2 26.40 -7.81 32.43
CA ASN A 2 26.41 -8.67 31.25
C ASN A 2 25.10 -8.60 30.48
N ILE A 3 23.96 -8.47 31.18
CA ILE A 3 22.70 -8.29 30.46
C ILE A 3 22.76 -7.04 29.60
N GLN A 4 23.21 -5.93 30.20
CA GLN A 4 23.29 -4.67 29.47
C GLN A 4 24.16 -4.82 28.22
N GLN A 5 25.35 -5.38 28.39
CA GLN A 5 26.26 -5.54 27.26
C GLN A 5 25.63 -6.41 26.17
N TYR A 6 24.95 -7.48 26.57
CA TYR A 6 24.30 -8.34 25.59
C TYR A 6 23.23 -7.57 24.83
N LYS A 7 22.47 -6.74 25.54
CA LYS A 7 21.43 -5.95 24.89
C LYS A 7 22.02 -4.88 23.98
N LYS A 8 23.08 -4.20 24.44
CA LYS A 8 23.73 -3.19 23.61
C LYS A 8 24.23 -3.80 22.31
N THR A 9 24.86 -4.99 22.39
CA THR A 9 25.38 -5.65 21.20
C THR A 9 24.27 -6.01 20.22
N LEU A 10 23.18 -6.56 20.73
CA LEU A 10 22.08 -6.93 19.84
C LEU A 10 21.44 -5.69 19.21
N SER A 11 21.32 -4.61 19.97
CA SER A 11 20.80 -3.37 19.43
CA SER A 11 20.79 -3.39 19.41
C SER A 11 21.71 -2.82 18.35
N SER A 12 23.03 -2.88 18.57
CA SER A 12 23.98 -2.35 17.62
C SER A 12 23.92 -3.08 16.28
N ILE A 13 23.84 -4.41 16.29
CA ILE A 13 23.92 -5.11 15.02
C ILE A 13 22.60 -5.13 14.26
N THR A 14 21.50 -4.73 14.90
CA THR A 14 20.20 -4.61 14.25
C THR A 14 19.81 -3.19 13.93
N SER A 15 20.59 -2.21 14.35
CA SER A 15 20.22 -0.81 14.20
C SER A 15 19.96 -0.46 12.74
N ASP A 16 20.74 -1.05 11.84
CA ASP A 16 20.67 -0.67 10.44
C ASP A 16 19.38 -1.15 9.78
N LEU A 17 18.83 -2.27 10.25
CA LEU A 17 17.50 -2.70 9.78
C LEU A 17 16.45 -1.64 10.07
N ARG A 18 16.44 -1.14 11.31
CA ARG A 18 15.52 -0.07 11.68
C ARG A 18 15.79 1.20 10.89
N GLU A 19 17.04 1.64 10.79
CA GLU A 19 17.32 2.88 10.05
C GLU A 19 16.84 2.76 8.61
N ASN A 20 16.99 1.57 8.02
CA ASN A 20 16.56 1.38 6.63
C ASN A 20 15.04 1.43 6.52
N ALA A 21 14.33 0.83 7.46
CA ALA A 21 12.87 0.88 7.43
C ALA A 21 12.38 2.32 7.54
N LEU A 22 13.01 3.09 8.43
CA LEU A 22 12.56 4.47 8.62
C LEU A 22 12.83 5.31 7.39
N PHE A 23 13.99 5.13 6.75
CA PHE A 23 14.26 5.90 5.54
C PHE A 23 13.28 5.56 4.44
N LYS A 24 12.99 4.26 4.28
CA LYS A 24 12.06 3.87 3.22
C LYS A 24 10.65 4.36 3.51
N ALA A 25 10.25 4.30 4.79
CA ALA A 25 8.95 4.85 5.19
C ALA A 25 8.85 6.32 4.88
N HIS A 26 9.90 7.09 5.19
CA HIS A 26 9.88 8.52 4.94
C HIS A 26 9.77 8.80 3.45
N THR A 27 10.46 8.00 2.63
CA THR A 27 10.36 8.18 1.19
C THR A 27 8.92 7.98 0.71
N LEU A 28 8.28 6.92 1.19
CA LEU A 28 6.90 6.66 0.81
C LEU A 28 5.96 7.74 1.33
N GLN A 29 6.22 8.31 2.51
CA GLN A 29 5.37 9.39 3.01
C GLN A 29 5.48 10.63 2.14
N GLN A 30 6.63 10.85 1.52
CA GLN A 30 6.84 12.01 0.67
C GLN A 30 6.32 11.81 -0.74
N THR A 31 6.11 10.56 -1.18
CA THR A 31 5.81 10.26 -2.57
C THR A 31 4.42 9.69 -2.82
N ILE A 32 3.81 9.00 -1.85
CA ILE A 32 2.49 8.41 -2.10
C ILE A 32 1.30 9.35 -1.86
N PRO A 33 1.16 9.99 -0.68
CA PRO A 33 -0.09 10.69 -0.35
C PRO A 33 -0.15 12.10 -0.92
N LEU A 34 -0.16 12.19 -2.25
CA LEU A 34 -0.19 13.44 -3.00
C LEU A 34 -1.61 13.83 -3.43
N ASN A 35 -2.61 13.45 -2.62
CA ASN A 35 -4.01 13.71 -2.88
C ASN A 35 -4.28 15.18 -3.18
N ILE A 36 -3.74 16.08 -2.35
CA ILE A 36 -4.05 17.50 -2.52
C ILE A 36 -3.61 17.96 -3.89
N ASP A 37 -2.38 17.60 -4.30
CA ASP A 37 -1.85 18.07 -5.57
C ASP A 37 -2.62 17.49 -6.74
N ILE A 38 -3.03 16.22 -6.64
CA ILE A 38 -3.81 15.60 -7.70
C ILE A 38 -5.19 16.25 -7.82
N LEU A 39 -5.86 16.52 -6.70
CA LEU A 39 -7.16 17.19 -6.76
C LEU A 39 -7.01 18.59 -7.35
N ALA A 40 -5.98 19.30 -6.91
CA ALA A 40 -5.77 20.66 -7.41
C ALA A 40 -5.51 20.66 -8.91
N LEU A 41 -4.73 19.70 -9.40
CA LEU A 41 -4.46 19.60 -10.83
C LEU A 41 -5.74 19.30 -11.59
N PHE A 42 -6.47 18.29 -11.12
CA PHE A 42 -7.72 17.89 -11.77
C PHE A 42 -8.70 19.06 -11.83
N SER A 43 -8.82 19.80 -10.72
CA SER A 43 -9.78 20.89 -10.62
C SER A 43 -9.40 22.05 -11.53
N GLU A 44 -8.11 22.27 -11.73
CA GLU A 44 -7.62 23.33 -12.59
C GLU A 44 -7.94 23.03 -14.04
N ILE A 45 -8.10 21.76 -14.38
CA ILE A 45 -8.43 21.32 -15.73
C ILE A 45 -9.93 21.22 -15.93
N PHE A 46 -10.62 20.54 -15.01
CA PHE A 46 -12.07 20.34 -15.07
C PHE A 46 -12.73 20.98 -13.85
N ASP A 47 -13.74 21.82 -14.10
CA ASP A 47 -14.35 22.61 -13.04
C ASP A 47 -15.26 21.75 -12.16
N LEU A 48 -14.97 21.71 -10.85
CA LEU A 48 -15.78 20.95 -9.91
C LEU A 48 -16.70 21.83 -9.08
N ASP A 49 -16.76 23.14 -9.35
CA ASP A 49 -17.58 24.03 -8.55
C ASP A 49 -19.04 23.63 -8.60
N ARG A 50 -19.52 23.20 -9.77
CA ARG A 50 -20.91 22.82 -9.95
C ARG A 50 -21.19 21.37 -9.57
N GLY A 51 -20.19 20.62 -9.12
CA GLY A 51 -20.37 19.25 -8.70
C GLY A 51 -19.75 18.27 -9.67
N VAL A 52 -20.13 17.01 -9.51
CA VAL A 52 -19.71 15.95 -10.42
C VAL A 52 -20.91 15.63 -11.31
N PRO A 53 -20.69 15.08 -12.50
CA PRO A 53 -21.84 14.74 -13.37
C PRO A 53 -22.81 13.79 -12.68
N ALA A 54 -24.10 14.01 -12.90
CA ALA A 54 -25.12 13.14 -12.33
C ALA A 54 -25.22 11.81 -13.06
N GLU A 55 -24.77 11.75 -14.31
CA GLU A 55 -24.79 10.55 -15.11
C GLU A 55 -23.44 10.37 -15.78
N PRO A 56 -23.03 9.13 -16.04
CA PRO A 56 -21.74 8.91 -16.70
C PRO A 56 -21.58 9.79 -17.92
N ASP A 57 -20.43 10.45 -17.99
CA ASP A 57 -20.11 11.46 -19.00
C ASP A 57 -18.98 10.91 -19.86
N LEU A 58 -19.35 10.43 -21.05
CA LEU A 58 -18.35 9.88 -21.96
C LEU A 58 -17.40 10.97 -22.46
N ALA A 59 -17.93 12.12 -22.84
CA ALA A 59 -17.10 13.21 -23.33
C ALA A 59 -16.03 13.58 -22.32
N LEU A 60 -16.42 13.75 -21.05
CA LEU A 60 -15.45 14.10 -20.04
C LEU A 60 -14.42 12.99 -19.87
N SER A 61 -14.88 11.74 -19.88
CA SER A 61 -13.96 10.61 -19.77
C SER A 61 -12.91 10.64 -20.87
N LYS A 62 -13.33 10.92 -22.10
CA LYS A 62 -12.38 10.97 -23.22
C LYS A 62 -11.34 12.07 -23.01
N GLU A 63 -11.75 13.20 -22.45
CA GLU A 63 -10.77 14.24 -22.14
C GLU A 63 -9.82 13.78 -21.04
N MET A 64 -10.34 13.09 -20.03
CA MET A 64 -9.48 12.60 -18.95
C MET A 64 -8.50 11.56 -19.48
N GLU A 65 -8.95 10.71 -20.39
CA GLU A 65 -8.07 9.73 -21.00
C GLU A 65 -6.91 10.38 -21.74
N LYS A 66 -7.20 11.38 -22.58
CA LYS A 66 -6.13 12.01 -23.36
C LYS A 66 -5.03 12.57 -22.47
N ILE A 67 -5.42 13.16 -21.34
CA ILE A 67 -4.46 13.80 -20.45
C ILE A 67 -3.73 12.79 -19.59
N PHE A 68 -4.46 11.84 -18.99
CA PHE A 68 -3.93 11.05 -17.89
C PHE A 68 -3.64 9.59 -18.20
N HIS A 69 -3.98 9.11 -19.41
CA HIS A 69 -3.78 7.69 -19.69
C HIS A 69 -2.33 7.28 -19.50
N SER A 70 -1.39 8.19 -19.77
CA SER A 70 0.02 7.85 -19.74
C SER A 70 0.63 7.95 -18.35
N THR A 71 -0.04 8.57 -17.39
CA THR A 71 0.56 8.79 -16.08
C THR A 71 -0.18 8.13 -14.94
N TYR A 72 -1.43 7.73 -15.13
CA TYR A 72 -2.20 7.01 -14.12
C TYR A 72 -2.75 5.74 -14.74
N LYS A 73 -2.83 4.67 -13.95
CA LYS A 73 -3.61 3.53 -14.40
C LYS A 73 -5.08 3.90 -14.49
N GLU A 74 -5.55 4.76 -13.59
CA GLU A 74 -6.94 5.21 -13.59
C GLU A 74 -7.04 6.50 -12.82
N ILE A 75 -7.76 7.47 -13.37
CA ILE A 75 -8.31 8.55 -12.57
C ILE A 75 -9.80 8.63 -12.85
N SER A 76 -10.61 8.58 -11.78
CA SER A 76 -12.06 8.50 -11.89
C SER A 76 -12.76 9.47 -10.95
N LEU A 77 -13.83 10.08 -11.46
CA LEU A 77 -14.78 10.80 -10.65
C LEU A 77 -15.91 9.86 -10.31
N VAL A 78 -16.11 9.63 -9.02
CA VAL A 78 -17.06 8.65 -8.49
C VAL A 78 -18.14 9.42 -7.77
N LYS A 79 -19.36 9.37 -8.30
CA LYS A 79 -20.47 10.10 -7.70
C LYS A 79 -20.97 9.34 -6.48
N LYS A 80 -21.23 10.07 -5.41
CA LYS A 80 -21.98 9.51 -4.29
C LYS A 80 -23.46 9.77 -4.58
N GLU A 81 -24.18 8.70 -4.91
CA GLU A 81 -25.59 8.82 -5.21
C GLU A 81 -26.38 9.15 -3.93
N ALA A 82 -27.64 9.54 -4.11
CA ALA A 82 -28.46 9.90 -2.95
C ALA A 82 -28.62 8.73 -1.99
N ASP A 83 -28.80 7.51 -2.53
CA ASP A 83 -28.93 6.32 -1.68
C ASP A 83 -27.59 5.88 -1.05
N GLY A 84 -26.51 6.66 -1.17
CA GLY A 84 -25.23 6.33 -0.59
C GLY A 84 -24.35 5.43 -1.42
N ASN A 85 -24.86 4.89 -2.53
CA ASN A 85 -24.05 4.08 -3.43
C ASN A 85 -23.11 4.95 -4.24
N PHE A 86 -21.98 4.37 -4.64
CA PHE A 86 -20.97 5.06 -5.44
C PHE A 86 -20.97 4.53 -6.86
N ARG A 87 -20.87 5.44 -7.83
CA ARG A 87 -20.89 5.06 -9.24
C ARG A 87 -19.89 5.90 -10.03
N VAL A 88 -19.13 5.26 -10.91
CA VAL A 88 -18.17 5.97 -11.74
C VAL A 88 -18.92 6.78 -12.79
N VAL A 89 -18.76 8.10 -12.76
CA VAL A 89 -19.41 8.96 -13.74
C VAL A 89 -18.44 9.62 -14.71
N ALA A 90 -17.13 9.49 -14.49
CA ALA A 90 -16.13 9.87 -15.46
C ALA A 90 -14.83 9.16 -15.11
N SER A 91 -14.12 8.67 -16.13
CA SER A 91 -12.86 7.96 -15.90
C SER A 91 -11.94 8.08 -17.10
N SER A 92 -10.64 8.17 -16.83
CA SER A 92 -9.63 7.99 -17.86
C SER A 92 -9.62 6.57 -18.40
N ARG A 93 -10.21 5.62 -17.66
CA ARG A 93 -10.40 4.25 -18.11
C ARG A 93 -11.84 4.13 -18.59
N ILE A 94 -12.03 4.23 -19.91
CA ILE A 94 -13.38 4.29 -20.45
C ILE A 94 -14.17 3.07 -20.02
N GLU A 95 -13.50 1.93 -19.93
CA GLU A 95 -14.15 0.67 -19.59
C GLU A 95 -14.74 0.67 -18.19
N GLN A 96 -14.24 1.55 -17.31
CA GLN A 96 -14.76 1.68 -15.95
C GLN A 96 -16.01 2.55 -15.87
N LEU A 97 -16.34 3.27 -16.93
CA LEU A 97 -17.42 4.24 -16.86
C LEU A 97 -18.75 3.58 -16.49
N GLY A 98 -19.43 4.15 -15.50
CA GLY A 98 -20.74 3.67 -15.08
C GLY A 98 -20.74 2.56 -14.04
N LYS A 99 -19.57 2.03 -13.66
CA LYS A 99 -19.51 0.89 -12.78
C LYS A 99 -19.87 1.29 -11.35
N ASN A 100 -20.60 0.42 -10.67
CA ASN A 100 -20.78 0.58 -9.23
C ASN A 100 -19.45 0.39 -8.52
N TYR A 101 -19.11 1.30 -7.63
CA TYR A 101 -17.80 1.32 -6.99
C TYR A 101 -17.91 1.24 -5.46
N ASN A 102 -19.00 0.66 -4.97
CA ASN A 102 -19.17 0.53 -3.52
C ASN A 102 -18.01 -0.24 -2.89
N GLN A 103 -17.58 -1.32 -3.53
CA GLN A 103 -16.50 -2.13 -2.96
C GLN A 103 -15.17 -1.43 -3.08
N GLU A 104 -15.02 -0.54 -4.05
CA GLU A 104 -13.74 0.10 -4.33
C GLU A 104 -13.50 1.32 -3.43
N ILE A 105 -14.55 1.94 -2.94
CA ILE A 105 -14.42 3.17 -2.14
C ILE A 105 -14.36 2.77 -0.68
N PHE A 106 -13.34 3.23 0.03
CA PHE A 106 -13.10 2.96 1.43
CA PHE A 106 -13.38 2.98 1.47
C PHE A 106 -13.01 4.23 2.26
N LEU A 107 -13.22 5.40 1.67
CA LEU A 107 -13.06 6.69 2.33
C LEU A 107 -14.36 7.13 2.99
N SER A 108 -14.31 7.45 4.27
CA SER A 108 -15.51 7.87 4.98
C SER A 108 -15.76 9.35 4.78
N ASP A 109 -16.97 9.80 5.12
CA ASP A 109 -17.31 11.19 4.88
C ASP A 109 -16.64 12.15 5.84
N SER A 110 -16.00 11.65 6.89
CA SER A 110 -15.40 12.50 7.91
C SER A 110 -13.91 12.76 7.67
N GLN A 111 -13.31 12.11 6.68
CA GLN A 111 -11.92 12.29 6.38
C GLN A 111 -11.74 13.04 5.08
N PRO A 112 -10.68 13.82 4.95
CA PRO A 112 -10.50 14.54 3.68
C PRO A 112 -10.08 13.62 2.56
N PHE A 113 -9.21 12.66 2.84
CA PHE A 113 -8.68 11.78 1.82
C PHE A 113 -8.02 10.58 2.49
N LEU A 114 -7.69 9.60 1.67
CA LEU A 114 -6.81 8.53 2.11
C LEU A 114 -5.87 8.14 0.98
N ALA A 115 -4.76 7.53 1.38
CA ALA A 115 -3.79 6.98 0.42
C ALA A 115 -3.31 5.65 0.96
N THR A 116 -3.33 4.62 0.14
CA THR A 116 -2.90 3.31 0.61
C THR A 116 -2.33 2.54 -0.57
N LEU A 117 -1.82 1.34 -0.28
CA LEU A 117 -1.32 0.43 -1.30
C LEU A 117 -2.19 -0.79 -1.37
N ARG A 118 -2.46 -1.25 -2.61
CA ARG A 118 -3.22 -2.47 -2.85
C ARG A 118 -2.57 -3.21 -4.02
N HIS A 119 -2.66 -4.53 -3.98
CA HIS A 119 -2.21 -5.34 -5.09
C HIS A 119 -3.28 -5.31 -6.16
N SER A 120 -2.87 -5.23 -7.42
CA SER A 120 -3.84 -5.13 -8.51
C SER A 120 -4.57 -6.43 -8.76
N GLY A 121 -4.04 -7.54 -8.27
CA GLY A 121 -4.57 -8.85 -8.56
C GLY A 121 -3.87 -9.59 -9.67
N SER A 122 -2.99 -8.93 -10.42
CA SER A 122 -2.35 -9.58 -11.56
C SER A 122 -0.91 -9.14 -11.67
N ASP A 123 -0.13 -10.03 -12.30
CA ASP A 123 1.30 -9.85 -12.38
C ASP A 123 1.81 -9.66 -10.96
N SER A 124 2.78 -8.75 -10.82
CA SER A 124 3.26 -8.34 -9.52
C SER A 124 3.06 -6.84 -9.39
N GLN A 125 1.88 -6.35 -9.76
CA GLN A 125 1.63 -4.91 -9.78
C GLN A 125 0.98 -4.47 -8.46
N VAL A 126 1.62 -3.53 -7.80
CA VAL A 126 1.09 -2.89 -6.60
C VAL A 126 0.75 -1.45 -6.95
N LEU A 127 -0.42 -1.01 -6.53
CA LEU A 127 -0.97 0.28 -6.90
C LEU A 127 -1.09 1.17 -5.68
N ALA A 128 -0.78 2.45 -5.86
CA ALA A 128 -1.17 3.48 -4.91
C ALA A 128 -2.61 3.84 -5.18
N VAL A 129 -3.46 3.61 -4.20
CA VAL A 129 -4.89 3.88 -4.29
C VAL A 129 -5.14 5.14 -3.48
N LEU A 130 -5.48 6.22 -4.17
CA LEU A 130 -5.75 7.51 -3.55
C LEU A 130 -7.21 7.85 -3.74
N GLN A 131 -7.89 8.18 -2.64
CA GLN A 131 -9.28 8.58 -2.65
C GLN A 131 -9.41 9.91 -1.93
N THR A 132 -10.04 10.87 -2.59
CA THR A 132 -10.20 12.22 -2.06
C THR A 132 -11.65 12.67 -2.16
N ASN A 133 -12.19 13.15 -1.04
CA ASN A 133 -13.58 13.57 -1.02
C ASN A 133 -13.77 14.88 -1.80
N ILE A 134 -14.85 14.92 -2.58
CA ILE A 134 -15.27 16.12 -3.30
C ILE A 134 -16.40 16.71 -2.47
N PHE A 135 -16.08 17.76 -1.74
CA PHE A 135 -17.01 18.41 -0.80
C PHE A 135 -17.73 19.54 -1.50
N ASP A 136 -19.04 19.59 -1.31
CA ASP A 136 -19.83 20.71 -1.84
C ASP A 136 -19.28 22.02 -1.32
N ILE A 137 -19.12 22.99 -2.23
CA ILE A 137 -18.47 24.25 -1.89
C ILE A 137 -19.33 25.08 -0.95
N SER A 138 -20.65 24.85 -0.95
CA SER A 138 -21.57 25.56 -0.07
C SER A 138 -21.86 24.76 1.19
N SER A 139 -22.27 23.50 1.04
CA SER A 139 -22.73 22.70 2.17
C SER A 139 -21.65 21.83 2.80
N GLN A 140 -20.55 21.58 2.09
CA GLN A 140 -19.48 20.68 2.51
C GLN A 140 -19.92 19.22 2.58
N GLU A 141 -21.08 18.89 2.03
CA GLU A 141 -21.48 17.49 1.90
C GLU A 141 -20.61 16.78 0.86
N VAL A 142 -20.39 15.48 1.09
CA VAL A 142 -19.64 14.68 0.12
C VAL A 142 -20.49 14.50 -1.12
N LEU A 143 -20.00 14.99 -2.26
CA LEU A 143 -20.66 14.81 -3.53
C LEU A 143 -20.12 13.62 -4.30
N GLY A 144 -18.92 13.19 -3.98
CA GLY A 144 -18.27 12.14 -4.72
C GLY A 144 -16.84 12.02 -4.25
N VAL A 145 -16.09 11.19 -4.96
CA VAL A 145 -14.72 10.87 -4.62
C VAL A 145 -13.89 10.93 -5.88
N LEU A 146 -12.71 11.57 -5.80
CA LEU A 146 -11.71 11.49 -6.86
C LEU A 146 -10.80 10.30 -6.54
N TYR A 147 -10.87 9.28 -7.40
CA TYR A 147 -10.25 7.99 -7.22
C TYR A 147 -9.11 7.83 -8.22
N THR A 148 -7.89 7.61 -7.74
CA THR A 148 -6.76 7.40 -8.63
C THR A 148 -5.99 6.13 -8.26
N LEU A 149 -5.48 5.48 -9.31
CA LEU A 149 -4.62 4.31 -9.23
C LEU A 149 -3.33 4.62 -9.98
N SER A 150 -2.19 4.45 -9.30
CA SER A 150 -0.86 4.71 -9.84
C SER A 150 0.05 3.49 -9.61
N ASP A 151 0.71 3.03 -10.67
CA ASP A 151 1.66 1.93 -10.51
C ASP A 151 2.83 2.40 -9.64
N THR A 152 3.11 1.69 -8.57
CA THR A 152 4.18 2.08 -7.66
C THR A 152 5.54 1.48 -8.03
N ASN A 153 5.69 0.84 -9.19
CA ASN A 153 6.98 0.26 -9.52
C ASN A 153 8.10 1.30 -9.50
N TYR A 154 7.81 2.54 -9.93
CA TYR A 154 8.84 3.57 -9.96
C TYR A 154 9.37 3.91 -8.56
N LEU A 155 8.62 3.58 -7.52
CA LEU A 155 9.07 3.71 -6.14
C LEU A 155 9.60 2.40 -5.58
N LEU A 156 8.80 1.34 -5.68
CA LEU A 156 9.17 0.12 -5.01
C LEU A 156 10.36 -0.60 -5.65
N ASN A 157 10.53 -0.53 -6.98
CA ASN A 157 11.70 -1.19 -7.57
C ASN A 157 12.98 -0.71 -6.91
N GLY A 158 13.11 0.60 -6.73
CA GLY A 158 14.31 1.13 -6.10
C GLY A 158 14.37 0.86 -4.60
N LEU A 159 13.25 1.01 -3.90
CA LEU A 159 13.24 0.82 -2.45
C LEU A 159 13.42 -0.65 -2.07
N LEU A 160 13.03 -1.58 -2.93
CA LEU A 160 13.20 -2.99 -2.64
C LEU A 160 14.49 -3.57 -3.21
N ALA A 161 15.23 -2.80 -4.01
CA ALA A 161 16.50 -3.27 -4.52
C ALA A 161 17.48 -3.50 -3.38
N ALA A 162 18.32 -4.53 -3.52
CA ALA A 162 19.32 -4.91 -2.52
C ALA A 162 20.53 -5.49 -3.25
N LYS A 163 21.28 -4.62 -3.93
CA LYS A 163 22.42 -5.07 -4.74
C LYS A 163 23.74 -5.02 -3.99
N ASP A 164 23.90 -4.07 -3.07
CA ASP A 164 25.22 -3.74 -2.52
C ASP A 164 25.28 -3.97 -1.00
N SER A 167 23.37 -5.12 1.87
CA SER A 167 22.16 -4.33 1.61
C SER A 167 20.92 -5.03 2.16
N VAL A 168 20.13 -4.32 2.96
CA VAL A 168 18.96 -4.95 3.56
C VAL A 168 17.86 -5.07 2.51
N LYS A 169 17.01 -6.06 2.73
CA LYS A 169 15.88 -6.35 1.87
C LYS A 169 14.61 -5.79 2.50
N THR A 170 13.56 -5.69 1.68
CA THR A 170 12.35 -4.98 2.11
C THR A 170 11.11 -5.72 1.64
N ALA A 171 10.07 -5.70 2.47
CA ALA A 171 8.74 -6.19 2.10
C ALA A 171 7.72 -5.14 2.53
N ILE A 172 6.76 -4.89 1.64
CA ILE A 172 5.62 -4.01 1.92
C ILE A 172 4.48 -4.89 2.40
N LEU A 173 3.95 -4.56 3.58
CA LEU A 173 2.96 -5.38 4.29
C LEU A 173 1.61 -4.68 4.33
N SER A 174 0.56 -5.41 4.00
CA SER A 174 -0.79 -4.91 4.26
C SER A 174 -1.07 -4.90 5.76
N LYS A 175 -2.14 -4.21 6.13
CA LYS A 175 -2.49 -4.04 7.54
C LYS A 175 -2.71 -5.37 8.26
N ASN A 176 -3.35 -6.34 7.60
CA ASN A 176 -3.67 -7.63 8.22
C ASN A 176 -2.58 -8.67 7.99
N GLY A 177 -1.43 -8.28 7.46
CA GLY A 177 -0.27 -9.14 7.46
C GLY A 177 0.02 -9.92 6.20
N ILE A 178 -0.45 -9.46 5.04
CA ILE A 178 -0.11 -10.08 3.75
C ILE A 178 0.97 -9.24 3.08
N ILE A 179 2.06 -9.88 2.66
CA ILE A 179 3.09 -9.17 1.92
C ILE A 179 2.56 -8.79 0.54
N LEU A 180 2.61 -7.50 0.20
CA LEU A 180 2.19 -7.07 -1.13
C LEU A 180 3.29 -7.26 -2.15
N GLN A 181 4.54 -6.98 -1.76
CA GLN A 181 5.68 -7.08 -2.65
C GLN A 181 6.94 -7.06 -1.81
N ALA A 182 7.91 -7.88 -2.19
CA ALA A 182 9.18 -7.93 -1.47
C ALA A 182 10.35 -8.08 -2.42
N THR A 183 11.54 -7.74 -1.91
CA THR A 183 12.78 -7.98 -2.64
C THR A 183 12.81 -9.40 -3.18
N ASP A 184 12.47 -10.35 -2.34
CA ASP A 184 12.34 -11.74 -2.74
C ASP A 184 10.88 -11.96 -3.18
N SER A 185 10.69 -12.12 -4.49
CA SER A 185 9.35 -12.25 -5.05
CA SER A 185 9.32 -12.22 -5.00
C SER A 185 8.63 -13.49 -4.55
N SER A 186 9.36 -14.49 -4.05
CA SER A 186 8.71 -15.67 -3.47
C SER A 186 7.91 -15.33 -2.21
N LEU A 187 8.06 -14.13 -1.64
CA LEU A 187 7.26 -13.73 -0.51
C LEU A 187 6.01 -12.96 -0.91
N ASP A 188 5.83 -12.68 -2.20
CA ASP A 188 4.68 -11.87 -2.60
C ASP A 188 3.37 -12.61 -2.31
N LEU A 189 2.47 -11.89 -1.65
CA LEU A 189 1.13 -12.37 -1.27
C LEU A 189 1.22 -13.61 -0.39
N VAL A 190 2.09 -13.56 0.60
CA VAL A 190 2.27 -14.55 1.64
C VAL A 190 1.99 -13.87 2.97
N SER A 191 1.43 -14.63 3.90
CA SER A 191 1.14 -14.14 5.24
C SER A 191 2.37 -14.17 6.15
N ILE A 192 2.55 -13.10 6.92
CA ILE A 192 3.59 -13.09 7.95
C ILE A 192 3.24 -13.80 9.24
N HIS A 193 2.01 -14.26 9.41
CA HIS A 193 1.58 -14.86 10.67
C HIS A 193 1.79 -16.37 10.63
N LYS A 194 1.34 -17.06 11.70
CA LYS A 194 1.47 -18.51 11.75
C LYS A 194 0.51 -19.17 10.77
N THR A 195 -0.60 -18.49 10.46
CA THR A 195 -1.66 -19.02 9.62
C THR A 195 -1.94 -18.03 8.51
N VAL A 196 -2.60 -18.52 7.47
CA VAL A 196 -3.14 -17.65 6.43
C VAL A 196 -4.63 -17.96 6.30
N SER A 197 -5.44 -16.91 6.19
CA SER A 197 -6.89 -17.04 6.16
C SER A 197 -7.48 -16.01 5.21
N LYS A 198 -8.70 -16.30 4.75
CA LYS A 198 -9.32 -15.45 3.75
C LYS A 198 -9.51 -14.03 4.26
N GLU A 199 -9.83 -13.87 5.54
CA GLU A 199 -10.12 -12.54 6.07
C GLU A 199 -8.91 -11.63 6.01
N GLN A 200 -7.69 -12.18 5.95
CA GLN A 200 -6.52 -11.34 5.78
C GLN A 200 -6.52 -10.61 4.46
N PHE A 201 -7.22 -11.11 3.46
CA PHE A 201 -7.07 -10.57 2.13
C PHE A 201 -8.07 -9.47 1.82
N CYS A 202 -8.97 -9.15 2.75
CA CYS A 202 -10.01 -8.17 2.49
C CYS A 202 -9.47 -6.77 2.25
N ASP A 203 -8.23 -6.49 2.68
CA ASP A 203 -7.63 -5.16 2.48
C ASP A 203 -6.37 -5.22 1.63
N VAL A 204 -6.25 -6.25 0.78
CA VAL A 204 -5.08 -6.49 -0.04
C VAL A 204 -5.29 -6.03 -1.48
N PHE A 205 -6.48 -6.23 -2.01
CA PHE A 205 -6.77 -6.01 -3.42
C PHE A 205 -7.66 -4.75 -3.55
N LEU A 206 -8.11 -4.47 -4.77
CA LEU A 206 -8.88 -3.24 -5.00
C LEU A 206 -10.33 -3.35 -4.56
N ARG A 207 -10.81 -4.57 -4.31
CA ARG A 207 -12.15 -4.82 -3.83
C ARG A 207 -12.06 -5.71 -2.61
N ASP A 208 -13.00 -5.52 -1.68
CA ASP A 208 -13.00 -6.27 -0.43
C ASP A 208 -13.51 -7.70 -0.58
N ASP A 209 -13.79 -8.16 -1.80
CA ASP A 209 -14.36 -9.48 -2.04
C ASP A 209 -13.47 -10.36 -2.91
N ILE A 210 -12.18 -10.05 -2.99
CA ILE A 210 -11.23 -10.81 -3.78
C ILE A 210 -10.36 -11.62 -2.82
N CYS A 211 -10.43 -12.95 -2.92
CA CYS A 211 -9.49 -13.83 -2.24
CA CYS A 211 -9.46 -13.82 -2.27
C CYS A 211 -9.38 -15.13 -3.04
N PRO A 212 -8.48 -15.20 -4.02
CA PRO A 212 -8.31 -16.43 -4.80
C PRO A 212 -7.87 -17.59 -3.93
N PRO A 213 -8.43 -18.79 -4.12
CA PRO A 213 -8.14 -19.88 -3.19
C PRO A 213 -6.69 -20.32 -3.19
N HIS A 214 -5.98 -20.22 -4.31
CA HIS A 214 -4.62 -20.72 -4.32
C HIS A 214 -3.76 -19.96 -3.33
N LEU A 215 -4.11 -18.69 -3.04
CA LEU A 215 -3.31 -17.96 -2.08
C LEU A 215 -3.43 -18.52 -0.66
N LEU A 216 -4.51 -19.24 -0.34
CA LEU A 216 -4.68 -19.77 1.00
C LEU A 216 -3.91 -21.07 1.21
N LEU A 217 -3.13 -21.48 0.21
CA LEU A 217 -2.25 -22.63 0.36
C LEU A 217 -0.78 -22.27 0.47
N ARG A 218 -0.42 -21.00 0.37
CA ARG A 218 0.98 -20.62 0.46
C ARG A 218 1.46 -20.67 1.91
N PRO A 219 2.51 -21.42 2.23
CA PRO A 219 2.97 -21.49 3.64
C PRO A 219 3.29 -20.12 4.19
N PRO A 220 2.65 -19.74 5.30
CA PRO A 220 2.95 -18.44 5.93
C PRO A 220 4.36 -18.45 6.51
N LEU A 221 4.86 -17.23 6.75
CA LEU A 221 6.23 -17.05 7.23
C LEU A 221 6.38 -17.18 8.74
N ASN A 222 5.30 -17.05 9.49
CA ASN A 222 5.32 -17.27 10.94
C ASN A 222 6.40 -16.42 11.61
N LEU A 223 6.38 -15.12 11.34
CA LEU A 223 7.34 -14.22 11.96
C LEU A 223 7.26 -14.34 13.47
N ASP A 224 8.43 -14.46 14.11
CA ASP A 224 8.53 -14.72 15.54
C ASP A 224 9.18 -13.52 16.20
N PRO A 225 8.54 -12.84 17.14
CA PRO A 225 9.18 -11.67 17.75
C PRO A 225 10.49 -12.04 18.43
N LEU A 226 11.48 -11.18 18.26
CA LEU A 226 12.73 -11.41 18.97
C LEU A 226 12.68 -10.81 20.37
N PRO A 227 13.49 -11.33 21.29
CA PRO A 227 13.30 -10.99 22.70
C PRO A 227 13.37 -9.51 22.98
N TYR A 228 14.43 -8.84 22.53
CA TYR A 228 14.73 -7.52 23.03
C TYR A 228 14.48 -6.47 21.96
N GLY A 229 14.36 -5.24 22.41
CA GLY A 229 13.88 -4.18 21.56
C GLY A 229 12.44 -4.44 21.16
N GLU A 230 11.90 -3.51 20.38
CA GLU A 230 10.55 -3.60 19.89
C GLU A 230 10.56 -3.75 18.38
N ASN A 231 9.70 -4.64 17.90
CA ASN A 231 9.34 -4.82 16.49
C ASN A 231 10.37 -5.56 15.69
N PHE A 232 11.33 -6.25 16.33
CA PHE A 232 12.22 -7.13 15.61
C PHE A 232 11.66 -8.55 15.60
N VAL A 233 11.94 -9.25 14.50
CA VAL A 233 11.38 -10.57 14.25
C VAL A 233 12.42 -11.49 13.63
N SER A 234 12.15 -12.79 13.72
CA SER A 234 12.93 -13.79 13.01
C SER A 234 11.99 -14.66 12.19
N PHE A 235 12.51 -15.16 11.07
CA PHE A 235 11.75 -16.06 10.22
C PHE A 235 12.75 -16.75 9.29
N CYS A 236 12.26 -17.72 8.53
CA CYS A 236 13.07 -18.45 7.58
CA CYS A 236 13.05 -18.48 7.58
C CYS A 236 12.53 -18.25 6.16
N ILE A 237 13.45 -18.20 5.21
CA ILE A 237 13.14 -18.25 3.77
C ILE A 237 13.87 -19.45 3.22
N GLY A 238 13.12 -20.45 2.77
CA GLY A 238 13.77 -21.69 2.37
C GLY A 238 14.53 -22.19 3.58
N ASN A 239 15.82 -22.45 3.41
CA ASN A 239 16.63 -22.91 4.52
C ASN A 239 17.42 -21.79 5.21
N THR A 240 17.11 -20.53 4.96
CA THR A 240 17.96 -19.43 5.40
C THR A 240 17.25 -18.64 6.50
N GLU A 241 17.89 -18.55 7.67
CA GLU A 241 17.36 -17.75 8.78
C GLU A 241 17.56 -16.25 8.53
N MET A 242 16.47 -15.48 8.71
CA MET A 242 16.43 -14.03 8.52
C MET A 242 16.07 -13.36 9.85
N TRP A 243 16.58 -12.17 10.04
CA TRP A 243 16.09 -11.27 11.07
C TRP A 243 15.50 -10.03 10.38
N GLY A 244 14.49 -9.43 11.00
CA GLY A 244 13.83 -8.29 10.40
C GLY A 244 13.28 -7.31 11.41
N TYR A 245 12.77 -6.18 10.88
CA TYR A 245 12.18 -5.11 11.66
C TYR A 245 10.90 -4.66 10.96
N ILE A 246 9.81 -4.49 11.71
CA ILE A 246 8.54 -4.06 11.13
C ILE A 246 8.22 -2.66 11.60
N HIS A 247 8.07 -1.75 10.64
CA HIS A 247 7.71 -0.38 10.92
C HIS A 247 6.33 -0.06 10.37
N SER A 248 5.47 0.50 11.21
CA SER A 248 4.10 0.78 10.80
C SER A 248 3.95 2.21 10.29
N LEU A 249 3.21 2.36 9.17
CA LEU A 249 2.78 3.67 8.65
C LEU A 249 1.27 3.79 8.83
N PRO A 250 0.82 4.05 10.05
CA PRO A 250 -0.63 4.04 10.30
C PRO A 250 -1.42 5.00 9.43
N GLU A 251 -0.86 6.17 9.10
CA GLU A 251 -1.58 7.16 8.29
C GLU A 251 -1.74 6.73 6.84
N MET A 252 -1.23 5.54 6.45
CA MET A 252 -1.47 5.01 5.11
C MET A 252 -1.81 3.52 5.14
N ASP A 253 -1.99 2.93 6.30
CA ASP A 253 -2.57 1.58 6.42
C ASP A 253 -1.69 0.52 5.75
N PHE A 254 -0.38 0.68 5.84
CA PHE A 254 0.52 -0.41 5.50
C PHE A 254 1.75 -0.32 6.36
N ARG A 255 2.59 -1.35 6.29
CA ARG A 255 3.77 -1.48 7.12
C ARG A 255 4.95 -1.81 6.22
N ILE A 256 6.15 -1.62 6.74
CA ILE A 256 7.38 -1.96 6.03
C ILE A 256 8.15 -2.95 6.90
N LEU A 257 8.55 -4.07 6.29
CA LEU A 257 9.41 -5.05 6.91
C LEU A 257 10.77 -4.96 6.23
N THR A 258 11.82 -4.58 6.97
CA THR A 258 13.16 -4.76 6.43
C THR A 258 13.74 -6.06 7.02
N TYR A 259 14.58 -6.73 6.25
CA TYR A 259 15.08 -8.02 6.71
C TYR A 259 16.42 -8.30 6.04
N GLU A 260 17.15 -9.23 6.64
CA GLU A 260 18.51 -9.56 6.23
C GLU A 260 18.82 -10.95 6.78
N GLU A 261 19.73 -11.66 6.11
CA GLU A 261 20.19 -12.93 6.63
C GLU A 261 20.79 -12.74 8.02
N LYS A 262 20.39 -13.60 8.95
CA LYS A 262 20.94 -13.55 10.29
C LYS A 262 22.47 -13.61 10.29
N SER A 263 23.04 -14.44 9.42
CA SER A 263 24.49 -14.59 9.35
C SER A 263 25.17 -13.29 8.95
N ILE A 264 24.54 -12.49 8.09
CA ILE A 264 25.09 -11.20 7.70
C ILE A 264 24.96 -10.20 8.85
N ILE A 265 23.80 -10.19 9.50
CA ILE A 265 23.62 -9.36 10.69
C ILE A 265 24.72 -9.64 11.70
N PHE A 266 24.94 -10.92 11.99
CA PHE A 266 25.90 -11.28 13.03
C PHE A 266 27.33 -11.04 12.61
N ALA A 267 27.61 -10.96 11.31
CA ALA A 267 28.98 -10.72 10.86
C ALA A 267 29.47 -9.34 11.33
N SER A 268 28.54 -8.43 11.64
CA SER A 268 28.89 -7.13 12.20
C SER A 268 29.55 -7.23 13.55
N LEU A 269 29.51 -8.40 14.20
CA LEU A 269 30.21 -8.55 15.46
C LEU A 269 31.72 -8.45 15.30
N TRP A 270 32.24 -8.77 14.10
CA TRP A 270 33.68 -8.79 13.87
C TRP A 270 34.13 -8.05 12.63
N ARG A 271 33.24 -7.70 11.71
CA ARG A 271 33.62 -7.16 10.39
C ARG A 271 33.13 -5.72 10.24
C1 IPA B . -13.37 -12.93 3.71
C2 IPA B . -13.65 -12.28 2.36
C3 IPA B . -14.60 -11.10 2.48
O2 IPA B . -12.42 -11.86 1.80
#